data_3LI1
#
_entry.id   3LI1
#
_cell.length_a   59.742
_cell.length_b   63.765
_cell.length_c   61.106
_cell.angle_alpha   90.00
_cell.angle_beta   115.17
_cell.angle_gamma   90.00
#
_symmetry.space_group_name_H-M   'P 1 21 1'
#
loop_
_entity.id
_entity.type
_entity.pdbx_description
1 polymer "Orotidine 5'-phosphate decarboxylase"
2 non-polymer "1-(5'-PHOSPHO-BETA-D-RIBOFURANOSYL)BARBITURIC ACID"
3 water water
#
_entity_poly.entity_id   1
_entity_poly.type   'polypeptide(L)'
_entity_poly.pdbx_seq_one_letter_code
;MRSRRVDVMDVMNRLILAMDLMNRDDALRVTGEVREYIDTVKIGYPLVLSEGMDIIAEFRKRFGCRIIADFKVADIPETN
EKICRATFKAGADAIIVHGFPGADSVRACLNVAEEMGREVFLLTEMSHPGAEMFIQGAADEIARMGVDLGVKNYVGPSTR
PERLSRLREIIGQDSFLISPGVGAQGGDPGETLRFADAIIVGRSIYLADNPAAAAAGAIESIKDLLNP
;
_entity_poly.pdbx_strand_id   A,B
#
loop_
_chem_comp.id
_chem_comp.type
_chem_comp.name
_chem_comp.formula
BMQ RNA linking '1-(5'-PHOSPHO-BETA-D-RIBOFURANOSYL)BARBITURIC ACID' 'C9 H13 N2 O10 P'
#
# COMPACT_ATOMS: atom_id res chain seq x y z
N VAL A 8 13.22 -19.00 11.88
CA VAL A 8 12.33 -17.81 11.99
C VAL A 8 12.93 -16.80 12.95
N MET A 9 12.59 -15.52 12.76
CA MET A 9 13.11 -14.47 13.63
C MET A 9 12.70 -14.75 15.08
N ASP A 10 13.62 -14.49 16.00
CA ASP A 10 13.36 -14.71 17.42
C ASP A 10 12.80 -13.44 18.05
N VAL A 11 11.48 -13.34 18.05
CA VAL A 11 10.78 -12.19 18.60
C VAL A 11 10.71 -12.22 20.13
N MET A 12 11.40 -11.29 20.77
CA MET A 12 11.41 -11.24 22.22
C MET A 12 9.99 -11.11 22.79
N ASN A 13 9.68 -11.98 23.75
CA ASN A 13 8.39 -11.99 24.41
C ASN A 13 7.19 -12.15 23.49
N ARG A 14 7.43 -12.64 22.27
CA ARG A 14 6.37 -12.85 21.29
C ARG A 14 5.51 -11.60 21.10
N LEU A 15 6.13 -10.44 21.29
CA LEU A 15 5.40 -9.17 21.19
C LEU A 15 6.06 -8.18 20.23
N ILE A 16 5.31 -7.75 19.22
CA ILE A 16 5.80 -6.80 18.23
C ILE A 16 5.06 -5.48 18.38
N LEU A 17 5.82 -4.40 18.52
CA LEU A 17 5.22 -3.08 18.66
C LEU A 17 4.83 -2.47 17.32
N ALA A 18 3.57 -2.07 17.18
CA ALA A 18 3.13 -1.41 15.95
C ALA A 18 3.32 0.08 16.25
N MET A 19 4.45 0.64 15.82
CA MET A 19 4.74 2.04 16.08
C MET A 19 4.13 2.95 15.03
N ASP A 20 2.88 3.34 15.27
CA ASP A 20 2.15 4.20 14.35
C ASP A 20 2.00 5.64 14.79
N LEU A 21 2.85 6.08 15.71
CA LEU A 21 2.82 7.48 16.12
C LEU A 21 3.37 8.20 14.89
N MET A 22 3.01 9.46 14.72
CA MET A 22 3.42 10.18 13.52
C MET A 22 4.45 11.29 13.62
N ASN A 23 5.15 11.37 14.76
CA ASN A 23 6.20 12.36 14.89
C ASN A 23 7.39 11.65 15.51
N ARG A 24 8.57 11.97 15.00
CA ARG A 24 9.82 11.38 15.43
C ARG A 24 10.04 11.35 16.94
N ASP A 25 9.87 12.49 17.60
CA ASP A 25 10.10 12.58 19.03
C ASP A 25 9.26 11.61 19.85
N ASP A 26 7.96 11.56 19.59
CA ASP A 26 7.09 10.66 20.35
C ASP A 26 7.37 9.20 19.99
N ALA A 27 7.54 8.92 18.71
CA ALA A 27 7.82 7.55 18.28
C ALA A 27 9.09 7.02 18.92
N LEU A 28 10.14 7.85 18.93
CA LEU A 28 11.41 7.46 19.52
C LEU A 28 11.30 7.29 21.04
N ARG A 29 10.57 8.19 21.69
CA ARG A 29 10.42 8.12 23.13
C ARG A 29 9.71 6.83 23.56
N VAL A 30 8.55 6.56 22.96
CA VAL A 30 7.79 5.37 23.31
C VAL A 30 8.54 4.07 23.01
N THR A 31 9.15 4.00 21.84
CA THR A 31 9.88 2.80 21.48
C THR A 31 11.03 2.58 22.46
N GLY A 32 11.70 3.66 22.85
CA GLY A 32 12.80 3.53 23.79
C GLY A 32 12.33 3.05 25.15
N GLU A 33 11.14 3.49 25.55
CA GLU A 33 10.60 3.10 26.85
C GLU A 33 10.19 1.63 26.95
N VAL A 34 9.92 0.99 25.82
CA VAL A 34 9.52 -0.42 25.86
C VAL A 34 10.62 -1.34 25.32
N ARG A 35 11.78 -0.74 25.04
CA ARG A 35 12.95 -1.44 24.50
C ARG A 35 13.36 -2.71 25.24
N GLU A 36 13.19 -2.74 26.56
CA GLU A 36 13.58 -3.92 27.33
C GLU A 36 12.58 -5.07 27.21
N TYR A 37 11.42 -4.80 26.64
CA TYR A 37 10.38 -5.82 26.49
C TYR A 37 10.16 -6.27 25.05
N ILE A 38 10.56 -5.43 24.10
CA ILE A 38 10.36 -5.71 22.69
C ILE A 38 11.62 -5.45 21.85
N ASP A 39 11.99 -6.42 21.01
CA ASP A 39 13.17 -6.26 20.15
C ASP A 39 12.78 -6.30 18.67
N THR A 40 11.48 -6.22 18.41
CA THR A 40 10.96 -6.24 17.05
C THR A 40 9.89 -5.16 16.93
N VAL A 41 10.10 -4.23 16.00
CA VAL A 41 9.18 -3.13 15.79
C VAL A 41 8.63 -3.09 14.37
N LYS A 42 7.33 -2.91 14.26
CA LYS A 42 6.67 -2.81 12.97
C LYS A 42 6.49 -1.32 12.68
N ILE A 43 7.12 -0.84 11.61
CA ILE A 43 7.01 0.55 11.22
C ILE A 43 6.21 0.60 9.93
N GLY A 44 5.15 1.40 9.94
CA GLY A 44 4.29 1.50 8.77
C GLY A 44 4.33 2.86 8.11
N TYR A 45 3.39 3.11 7.21
CA TYR A 45 3.34 4.37 6.50
C TYR A 45 2.97 5.59 7.35
N PRO A 46 2.18 5.41 8.44
CA PRO A 46 1.87 6.61 9.22
C PRO A 46 3.15 7.31 9.66
N LEU A 47 4.13 6.54 10.12
CA LEU A 47 5.40 7.11 10.56
C LEU A 47 6.36 7.42 9.41
N VAL A 48 6.49 6.50 8.47
CA VAL A 48 7.38 6.71 7.34
C VAL A 48 7.00 7.89 6.47
N LEU A 49 5.71 8.08 6.19
CA LEU A 49 5.28 9.20 5.37
C LEU A 49 5.36 10.53 6.12
N SER A 50 5.51 10.45 7.44
CA SER A 50 5.59 11.65 8.27
C SER A 50 7.04 12.05 8.55
N GLU A 51 7.93 11.06 8.66
CA GLU A 51 9.32 11.34 8.99
C GLU A 51 10.38 10.87 8.00
N GLY A 52 9.97 10.13 6.98
CA GLY A 52 10.92 9.67 5.99
C GLY A 52 11.47 8.27 6.27
N MET A 53 12.00 7.64 5.24
CA MET A 53 12.56 6.29 5.38
C MET A 53 13.77 6.26 6.31
N ASP A 54 14.37 7.42 6.55
CA ASP A 54 15.52 7.48 7.45
C ASP A 54 15.13 7.17 8.89
N ILE A 55 13.83 7.10 9.16
CA ILE A 55 13.38 6.79 10.52
C ILE A 55 13.78 5.35 10.85
N ILE A 56 13.87 4.52 9.82
CA ILE A 56 14.26 3.12 10.02
C ILE A 56 15.70 3.11 10.52
N ALA A 57 16.53 3.95 9.89
CA ALA A 57 17.94 4.06 10.25
C ALA A 57 18.07 4.55 11.70
N GLU A 58 17.26 5.53 12.06
CA GLU A 58 17.29 6.10 13.40
C GLU A 58 16.90 5.07 14.45
N PHE A 59 15.92 4.23 14.13
CA PHE A 59 15.51 3.20 15.07
C PHE A 59 16.60 2.17 15.28
N ARG A 60 17.26 1.78 14.19
CA ARG A 60 18.34 0.80 14.27
C ARG A 60 19.48 1.36 15.10
N LYS A 61 19.80 2.63 14.87
CA LYS A 61 20.88 3.29 15.59
C LYS A 61 20.60 3.42 17.08
N ARG A 62 19.38 3.81 17.43
CA ARG A 62 19.02 4.00 18.83
C ARG A 62 18.65 2.73 19.60
N PHE A 63 17.98 1.81 18.94
CA PHE A 63 17.55 0.57 19.59
C PHE A 63 18.09 -0.67 18.90
N GLY A 64 18.12 -1.77 19.64
CA GLY A 64 18.59 -3.01 19.05
C GLY A 64 17.35 -3.77 18.60
N CYS A 65 16.63 -3.19 17.65
CA CYS A 65 15.39 -3.81 17.18
C CYS A 65 15.32 -4.15 15.70
N ARG A 66 14.72 -5.29 15.40
CA ARG A 66 14.53 -5.71 14.02
C ARG A 66 13.41 -4.80 13.53
N ILE A 67 13.37 -4.55 12.24
CA ILE A 67 12.35 -3.69 11.67
C ILE A 67 11.53 -4.37 10.58
N ILE A 68 10.22 -4.42 10.78
CA ILE A 68 9.32 -4.98 9.79
C ILE A 68 8.60 -3.79 9.17
N ALA A 69 8.81 -3.58 7.88
CA ALA A 69 8.17 -2.47 7.18
C ALA A 69 6.78 -2.90 6.75
N ASP A 70 5.77 -2.36 7.43
CA ASP A 70 4.39 -2.71 7.14
C ASP A 70 3.86 -1.79 6.05
N PHE A 71 4.20 -2.11 4.80
CA PHE A 71 3.80 -1.30 3.67
C PHE A 71 2.66 -1.90 2.84
N LYS A 72 2.17 -3.05 3.27
CA LYS A 72 1.06 -3.74 2.58
C LYS A 72 1.16 -3.56 1.07
N VAL A 73 2.33 -3.91 0.54
CA VAL A 73 2.61 -3.77 -0.88
C VAL A 73 1.49 -4.39 -1.70
N ALA A 74 0.89 -3.59 -2.57
CA ALA A 74 -0.25 -4.05 -3.34
C ALA A 74 -0.32 -3.45 -4.75
N ASP A 75 0.80 -3.50 -5.46
CA ASP A 75 0.88 -2.95 -6.80
C ASP A 75 1.17 -4.04 -7.82
N ILE A 76 1.44 -3.64 -9.06
CA ILE A 76 1.77 -4.59 -10.11
C ILE A 76 3.20 -5.08 -9.82
N PRO A 77 3.61 -6.19 -10.44
CA PRO A 77 4.95 -6.74 -10.20
C PRO A 77 6.10 -5.73 -10.32
N GLU A 78 6.15 -4.99 -11.42
CA GLU A 78 7.23 -4.03 -11.63
C GLU A 78 7.34 -2.98 -10.53
N THR A 79 6.21 -2.45 -10.08
CA THR A 79 6.23 -1.44 -9.04
C THR A 79 6.54 -2.08 -7.68
N ASN A 80 6.02 -3.27 -7.45
CA ASN A 80 6.29 -3.98 -6.22
C ASN A 80 7.79 -4.18 -6.03
N GLU A 81 8.48 -4.53 -7.12
CA GLU A 81 9.92 -4.74 -7.04
C GLU A 81 10.64 -3.47 -6.60
N LYS A 82 10.24 -2.34 -7.18
CA LYS A 82 10.85 -1.06 -6.82
C LYS A 82 10.61 -0.71 -5.36
N ILE A 83 9.39 -0.93 -4.88
CA ILE A 83 9.06 -0.64 -3.49
C ILE A 83 9.90 -1.49 -2.55
N CYS A 84 10.03 -2.78 -2.86
CA CYS A 84 10.82 -3.67 -2.02
C CYS A 84 12.30 -3.25 -2.01
N ARG A 85 12.83 -2.90 -3.17
CA ARG A 85 14.23 -2.49 -3.25
C ARG A 85 14.49 -1.25 -2.42
N ALA A 86 13.61 -0.26 -2.52
CA ALA A 86 13.79 0.98 -1.77
C ALA A 86 13.67 0.73 -0.26
N THR A 87 12.75 -0.14 0.12
CA THR A 87 12.52 -0.47 1.52
C THR A 87 13.69 -1.22 2.15
N PHE A 88 14.22 -2.21 1.45
CA PHE A 88 15.35 -2.96 1.98
C PHE A 88 16.62 -2.11 1.98
N LYS A 89 16.75 -1.22 1.00
CA LYS A 89 17.92 -0.34 0.91
C LYS A 89 17.99 0.53 2.17
N ALA A 90 16.83 0.85 2.73
CA ALA A 90 16.74 1.68 3.93
C ALA A 90 17.06 0.93 5.22
N GLY A 91 17.14 -0.39 5.14
CA GLY A 91 17.47 -1.16 6.33
C GLY A 91 16.38 -2.02 6.94
N ALA A 92 15.23 -2.13 6.28
CA ALA A 92 14.17 -2.96 6.82
C ALA A 92 14.55 -4.43 6.74
N ASP A 93 14.29 -5.18 7.81
CA ASP A 93 14.59 -6.61 7.84
C ASP A 93 13.58 -7.41 7.03
N ALA A 94 12.35 -6.92 7.03
CA ALA A 94 11.27 -7.59 6.32
C ALA A 94 10.24 -6.58 5.86
N ILE A 95 9.38 -7.02 4.93
CA ILE A 95 8.33 -6.17 4.41
C ILE A 95 7.05 -6.98 4.33
N ILE A 96 5.91 -6.34 4.58
CA ILE A 96 4.62 -7.02 4.51
C ILE A 96 3.97 -6.71 3.18
N VAL A 97 3.51 -7.76 2.51
CA VAL A 97 2.91 -7.67 1.19
C VAL A 97 1.49 -8.23 1.16
N HIS A 98 0.61 -7.59 0.42
CA HIS A 98 -0.76 -8.07 0.27
C HIS A 98 -0.78 -9.23 -0.71
N GLY A 99 -1.63 -10.22 -0.45
CA GLY A 99 -1.72 -11.34 -1.36
C GLY A 99 -2.84 -11.21 -2.36
N PHE A 100 -3.84 -10.37 -2.07
CA PHE A 100 -4.97 -10.25 -2.97
C PHE A 100 -4.65 -9.81 -4.41
N PRO A 101 -3.56 -9.06 -4.63
CA PRO A 101 -3.25 -8.67 -6.02
C PRO A 101 -2.76 -9.83 -6.89
N GLY A 102 -2.60 -11.02 -6.31
CA GLY A 102 -2.18 -12.15 -7.12
C GLY A 102 -0.77 -12.68 -6.93
N ALA A 103 -0.52 -13.84 -7.54
CA ALA A 103 0.77 -14.52 -7.43
C ALA A 103 1.97 -13.79 -8.04
N ASP A 104 1.80 -13.19 -9.20
CA ASP A 104 2.92 -12.50 -9.82
C ASP A 104 3.39 -11.31 -8.96
N SER A 105 2.45 -10.61 -8.35
CA SER A 105 2.81 -9.48 -7.50
C SER A 105 3.55 -9.94 -6.25
N VAL A 106 3.17 -11.09 -5.70
CA VAL A 106 3.84 -11.61 -4.52
C VAL A 106 5.23 -12.13 -4.91
N ARG A 107 5.29 -12.85 -6.03
CA ARG A 107 6.56 -13.40 -6.50
C ARG A 107 7.59 -12.29 -6.71
N ALA A 108 7.15 -11.14 -7.22
CA ALA A 108 8.04 -10.02 -7.46
C ALA A 108 8.73 -9.61 -6.16
N CYS A 109 7.97 -9.58 -5.07
CA CYS A 109 8.51 -9.21 -3.77
C CYS A 109 9.46 -10.28 -3.26
N LEU A 110 9.07 -11.54 -3.41
CA LEU A 110 9.90 -12.66 -2.97
C LEU A 110 11.24 -12.65 -3.68
N ASN A 111 11.24 -12.33 -4.98
CA ASN A 111 12.47 -12.31 -5.75
C ASN A 111 13.44 -11.25 -5.23
N VAL A 112 12.92 -10.07 -4.92
CA VAL A 112 13.77 -9.00 -4.41
C VAL A 112 14.29 -9.37 -3.03
N ALA A 113 13.41 -9.94 -2.20
CA ALA A 113 13.80 -10.33 -0.84
C ALA A 113 14.94 -11.36 -0.89
N GLU A 114 14.83 -12.32 -1.81
CA GLU A 114 15.85 -13.36 -1.97
C GLU A 114 17.17 -12.75 -2.40
N GLU A 115 17.11 -11.89 -3.41
CA GLU A 115 18.30 -11.24 -3.94
C GLU A 115 18.98 -10.34 -2.90
N MET A 116 18.17 -9.67 -2.08
CA MET A 116 18.70 -8.75 -1.08
C MET A 116 18.91 -9.34 0.32
N GLY A 117 18.60 -10.62 0.48
CA GLY A 117 18.77 -11.26 1.78
C GLY A 117 17.84 -10.77 2.87
N ARG A 118 16.57 -10.55 2.53
CA ARG A 118 15.58 -10.09 3.50
C ARG A 118 14.35 -10.99 3.45
N GLU A 119 13.32 -10.64 4.22
CA GLU A 119 12.12 -11.47 4.29
C GLU A 119 10.81 -10.80 3.88
N VAL A 120 9.90 -11.63 3.37
CA VAL A 120 8.57 -11.17 2.98
C VAL A 120 7.53 -11.81 3.90
N PHE A 121 6.59 -11.00 4.35
CA PHE A 121 5.49 -11.47 5.18
C PHE A 121 4.26 -11.31 4.30
N LEU A 122 3.46 -12.37 4.17
CA LEU A 122 2.26 -12.30 3.34
C LEU A 122 1.03 -12.05 4.18
N LEU A 123 0.35 -10.94 3.90
CA LEU A 123 -0.87 -10.60 4.60
C LEU A 123 -2.02 -11.33 3.92
N THR A 124 -2.69 -12.20 4.68
CA THR A 124 -3.81 -12.97 4.15
C THR A 124 -5.11 -12.25 4.47
N GLU A 125 -5.75 -12.58 5.60
CA GLU A 125 -6.98 -11.91 5.97
C GLU A 125 -6.67 -10.76 6.92
N MET A 126 -7.46 -9.69 6.82
CA MET A 126 -7.28 -8.52 7.67
C MET A 126 -8.23 -8.56 8.87
N SER A 127 -7.90 -7.76 9.88
CA SER A 127 -8.65 -7.73 11.13
C SER A 127 -9.87 -6.83 11.27
N HIS A 128 -10.00 -5.86 10.38
CA HIS A 128 -11.11 -4.91 10.46
C HIS A 128 -12.42 -5.45 9.86
N PRO A 129 -13.55 -4.85 10.24
CA PRO A 129 -14.85 -5.28 9.73
C PRO A 129 -14.93 -5.41 8.21
N GLY A 130 -14.40 -4.40 7.51
CA GLY A 130 -14.44 -4.41 6.07
C GLY A 130 -13.80 -5.60 5.39
N ALA A 131 -12.91 -6.28 6.10
CA ALA A 131 -12.23 -7.45 5.54
C ALA A 131 -13.21 -8.55 5.17
N GLU A 132 -14.40 -8.51 5.76
CA GLU A 132 -15.40 -9.54 5.48
C GLU A 132 -16.03 -9.41 4.10
N MET A 133 -15.95 -8.23 3.52
CA MET A 133 -16.55 -7.98 2.21
C MET A 133 -15.92 -8.74 1.04
N PHE A 134 -14.60 -8.66 0.91
CA PHE A 134 -13.90 -9.33 -0.19
C PHE A 134 -12.72 -10.18 0.23
N ILE A 135 -11.93 -9.70 1.18
CA ILE A 135 -10.74 -10.43 1.60
C ILE A 135 -10.99 -11.79 2.24
N GLN A 136 -11.93 -11.86 3.16
CA GLN A 136 -12.21 -13.12 3.84
C GLN A 136 -12.49 -14.29 2.90
N GLY A 137 -13.29 -14.04 1.87
CA GLY A 137 -13.63 -15.10 0.93
C GLY A 137 -12.48 -15.58 0.07
N ALA A 138 -11.41 -14.78 -0.02
CA ALA A 138 -10.25 -15.15 -0.81
C ALA A 138 -9.07 -15.56 0.05
N ALA A 139 -9.17 -15.30 1.35
CA ALA A 139 -8.09 -15.58 2.30
C ALA A 139 -7.49 -16.99 2.32
N ASP A 140 -8.33 -18.02 2.33
CA ASP A 140 -7.79 -19.38 2.36
C ASP A 140 -6.96 -19.67 1.11
N GLU A 141 -7.43 -19.19 -0.05
CA GLU A 141 -6.72 -19.41 -1.30
C GLU A 141 -5.46 -18.56 -1.35
N ILE A 142 -5.52 -17.35 -0.80
CA ILE A 142 -4.34 -16.48 -0.78
C ILE A 142 -3.26 -17.17 0.05
N ALA A 143 -3.66 -17.77 1.17
CA ALA A 143 -2.71 -18.46 2.04
C ALA A 143 -2.12 -19.67 1.31
N ARG A 144 -2.96 -20.43 0.65
CA ARG A 144 -2.54 -21.62 -0.09
C ARG A 144 -1.55 -21.21 -1.17
N MET A 145 -1.83 -20.06 -1.80
CA MET A 145 -0.97 -19.51 -2.83
C MET A 145 0.39 -19.19 -2.22
N GLY A 146 0.38 -18.58 -1.04
CA GLY A 146 1.61 -18.26 -0.36
C GLY A 146 2.46 -19.50 -0.12
N VAL A 147 1.83 -20.57 0.35
CA VAL A 147 2.54 -21.81 0.61
C VAL A 147 3.16 -22.34 -0.69
N ASP A 148 2.39 -22.30 -1.77
CA ASP A 148 2.87 -22.78 -3.06
C ASP A 148 4.06 -21.97 -3.57
N LEU A 149 4.07 -20.67 -3.26
CA LEU A 149 5.14 -19.78 -3.68
C LEU A 149 6.37 -19.85 -2.79
N GLY A 150 6.26 -20.57 -1.68
CA GLY A 150 7.40 -20.68 -0.78
C GLY A 150 7.44 -19.63 0.32
N VAL A 151 6.34 -18.90 0.50
CA VAL A 151 6.27 -17.89 1.55
C VAL A 151 6.37 -18.61 2.90
N LYS A 152 7.17 -18.06 3.81
CA LYS A 152 7.36 -18.66 5.12
C LYS A 152 6.80 -17.83 6.26
N ASN A 153 6.54 -16.55 6.00
CA ASN A 153 6.03 -15.62 7.01
C ASN A 153 4.67 -15.08 6.60
N TYR A 154 3.74 -15.03 7.56
CA TYR A 154 2.38 -14.61 7.29
C TYR A 154 1.80 -13.70 8.36
N VAL A 155 0.73 -12.99 7.98
CA VAL A 155 0.01 -12.10 8.89
C VAL A 155 -1.47 -12.49 8.83
N GLY A 156 -2.07 -12.71 10.00
CA GLY A 156 -3.46 -13.12 10.12
C GLY A 156 -4.15 -12.35 11.24
N PRO A 157 -5.49 -12.24 11.21
CA PRO A 157 -6.29 -11.50 12.20
C PRO A 157 -6.59 -12.07 13.59
N SER A 158 -6.24 -11.30 14.61
CA SER A 158 -6.51 -11.69 16.00
C SER A 158 -8.00 -11.58 16.31
N THR A 159 -8.68 -10.70 15.58
CA THR A 159 -10.09 -10.45 15.79
C THR A 159 -11.02 -11.59 15.36
N ARG A 160 -10.49 -12.55 14.61
CA ARG A 160 -11.29 -13.68 14.16
C ARG A 160 -10.53 -14.97 14.43
N PRO A 161 -10.56 -15.45 15.69
CA PRO A 161 -9.88 -16.67 16.12
C PRO A 161 -10.08 -17.86 15.19
N GLU A 162 -11.30 -18.08 14.73
CA GLU A 162 -11.58 -19.20 13.84
C GLU A 162 -10.82 -19.08 12.53
N ARG A 163 -10.72 -17.86 12.01
CA ARG A 163 -10.01 -17.62 10.76
C ARG A 163 -8.51 -17.74 10.98
N LEU A 164 -8.03 -17.22 12.11
CA LEU A 164 -6.60 -17.30 12.42
C LEU A 164 -6.19 -18.77 12.56
N SER A 165 -7.08 -19.58 13.16
CA SER A 165 -6.81 -21.00 13.34
C SER A 165 -6.72 -21.70 11.98
N ARG A 166 -7.64 -21.39 11.08
CA ARG A 166 -7.63 -22.00 9.77
C ARG A 166 -6.38 -21.60 8.98
N LEU A 167 -5.98 -20.33 9.11
CA LEU A 167 -4.80 -19.86 8.42
C LEU A 167 -3.56 -20.61 8.92
N ARG A 168 -3.48 -20.83 10.22
CA ARG A 168 -2.35 -21.58 10.79
C ARG A 168 -2.32 -23.00 10.22
N GLU A 169 -3.49 -23.61 10.07
CA GLU A 169 -3.54 -24.96 9.52
C GLU A 169 -3.01 -24.98 8.10
N ILE A 170 -3.46 -24.03 7.28
CA ILE A 170 -3.04 -23.96 5.89
C ILE A 170 -1.53 -23.78 5.72
N ILE A 171 -0.95 -22.88 6.49
CA ILE A 171 0.49 -22.62 6.37
C ILE A 171 1.38 -23.62 7.10
N GLY A 172 0.80 -24.39 8.00
CA GLY A 172 1.59 -25.37 8.74
C GLY A 172 2.27 -24.79 9.96
N GLN A 173 2.68 -25.67 10.87
CA GLN A 173 3.33 -25.27 12.10
C GLN A 173 4.73 -24.67 11.92
N ASP A 174 5.39 -25.00 10.81
CA ASP A 174 6.74 -24.49 10.55
C ASP A 174 6.77 -23.04 10.09
N SER A 175 5.67 -22.57 9.50
CA SER A 175 5.59 -21.19 9.03
C SER A 175 5.53 -20.23 10.22
N PHE A 176 5.94 -18.98 9.99
CA PHE A 176 5.92 -17.96 11.03
C PHE A 176 4.67 -17.11 10.81
N LEU A 177 3.91 -16.89 11.88
CA LEU A 177 2.66 -16.14 11.79
C LEU A 177 2.57 -15.06 12.85
N ILE A 178 2.33 -13.82 12.42
CA ILE A 178 2.17 -12.73 13.37
C ILE A 178 0.75 -12.21 13.22
N SER A 179 0.19 -11.70 14.31
CA SER A 179 -1.20 -11.28 14.29
C SER A 179 -1.55 -9.95 14.97
N PRO A 180 -2.15 -9.02 14.21
CA PRO A 180 -2.55 -7.71 14.74
C PRO A 180 -4.02 -7.73 15.14
N GLY A 181 -4.46 -6.68 15.82
CA GLY A 181 -5.84 -6.59 16.25
C GLY A 181 -5.99 -6.88 17.73
N VAL A 182 -4.85 -7.01 18.41
CA VAL A 182 -4.83 -7.28 19.85
C VAL A 182 -4.94 -5.98 20.64
N GLY A 183 -5.84 -5.97 21.61
CA GLY A 183 -6.03 -4.77 22.42
C GLY A 183 -7.12 -3.86 21.90
N ALA A 184 -6.73 -2.76 21.26
CA ALA A 184 -7.67 -1.79 20.74
C ALA A 184 -8.79 -2.36 19.87
N GLN A 185 -8.45 -3.29 19.00
CA GLN A 185 -9.45 -3.89 18.11
C GLN A 185 -10.26 -5.02 18.74
N GLY A 186 -9.88 -5.43 19.96
CA GLY A 186 -10.62 -6.48 20.64
C GLY A 186 -9.97 -7.84 20.83
N GLY A 187 -8.91 -8.13 20.10
CA GLY A 187 -8.26 -9.42 20.23
C GLY A 187 -7.58 -9.64 21.56
N ASP A 188 -7.60 -10.88 22.04
CA ASP A 188 -6.98 -11.24 23.31
C ASP A 188 -5.56 -11.78 23.08
N PRO A 189 -4.58 -11.29 23.85
CA PRO A 189 -3.19 -11.73 23.73
C PRO A 189 -2.99 -13.25 23.78
N GLY A 190 -3.40 -13.86 24.89
CA GLY A 190 -3.25 -15.29 25.05
C GLY A 190 -3.95 -16.14 24.00
N GLU A 191 -5.22 -15.82 23.73
CA GLU A 191 -5.98 -16.56 22.74
C GLU A 191 -5.30 -16.51 21.38
N THR A 192 -4.80 -15.33 21.02
CA THR A 192 -4.15 -15.15 19.75
C THR A 192 -2.88 -15.98 19.63
N LEU A 193 -2.13 -16.07 20.72
CA LEU A 193 -0.89 -16.83 20.74
C LEU A 193 -1.10 -18.35 20.66
N ARG A 194 -2.35 -18.79 20.64
CA ARG A 194 -2.63 -20.21 20.50
C ARG A 194 -2.25 -20.60 19.07
N PHE A 195 -2.35 -19.64 18.15
CA PHE A 195 -2.07 -19.88 16.74
C PHE A 195 -0.92 -19.06 16.16
N ALA A 196 -0.77 -17.84 16.65
CA ALA A 196 0.28 -16.97 16.14
C ALA A 196 1.58 -17.09 16.94
N ASP A 197 2.71 -16.92 16.26
CA ASP A 197 4.00 -16.98 16.93
C ASP A 197 4.21 -15.71 17.74
N ALA A 198 3.67 -14.60 17.24
CA ALA A 198 3.80 -13.33 17.91
C ALA A 198 2.59 -12.44 17.66
N ILE A 199 2.29 -11.59 18.63
CA ILE A 199 1.17 -10.67 18.50
C ILE A 199 1.72 -9.27 18.21
N ILE A 200 0.96 -8.52 17.43
CA ILE A 200 1.29 -7.14 17.08
C ILE A 200 0.39 -6.26 17.94
N VAL A 201 0.98 -5.31 18.65
CA VAL A 201 0.20 -4.42 19.50
C VAL A 201 0.61 -2.97 19.28
N GLY A 202 -0.36 -2.13 18.97
CA GLY A 202 -0.08 -0.72 18.74
C GLY A 202 -0.63 0.20 19.81
N ARG A 203 -1.82 0.74 19.59
CA ARG A 203 -2.44 1.69 20.50
C ARG A 203 -2.47 1.31 21.99
N SER A 204 -2.75 0.05 22.30
CA SER A 204 -2.80 -0.37 23.71
C SER A 204 -1.48 -0.08 24.41
N ILE A 205 -0.42 0.03 23.64
CA ILE A 205 0.88 0.33 24.22
C ILE A 205 1.29 1.79 23.97
N TYR A 206 1.29 2.23 22.71
CA TYR A 206 1.76 3.59 22.46
C TYR A 206 0.86 4.75 22.88
N LEU A 207 -0.39 4.47 23.23
CA LEU A 207 -1.28 5.54 23.70
C LEU A 207 -1.43 5.47 25.22
N ALA A 208 -0.82 4.48 25.84
CA ALA A 208 -0.89 4.32 27.30
C ALA A 208 -0.09 5.42 27.99
N ASP A 209 -0.51 5.79 29.19
CA ASP A 209 0.21 6.81 29.95
C ASP A 209 1.62 6.32 30.23
N ASN A 210 1.76 5.01 30.42
CA ASN A 210 3.06 4.40 30.67
C ASN A 210 3.23 3.21 29.74
N PRO A 211 3.72 3.44 28.52
CA PRO A 211 3.90 2.36 27.56
C PRO A 211 4.66 1.15 28.12
N ALA A 212 5.70 1.41 28.91
CA ALA A 212 6.48 0.32 29.51
C ALA A 212 5.61 -0.56 30.39
N ALA A 213 4.75 0.07 31.19
CA ALA A 213 3.86 -0.67 32.07
C ALA A 213 2.84 -1.45 31.26
N ALA A 214 2.37 -0.86 30.16
CA ALA A 214 1.40 -1.53 29.31
C ALA A 214 2.02 -2.76 28.67
N ALA A 215 3.26 -2.63 28.21
CA ALA A 215 3.96 -3.76 27.59
C ALA A 215 4.22 -4.85 28.62
N ALA A 216 4.72 -4.44 29.79
CA ALA A 216 5.01 -5.38 30.87
C ALA A 216 3.75 -6.12 31.29
N GLY A 217 2.64 -5.39 31.34
CA GLY A 217 1.38 -6.00 31.73
C GLY A 217 0.92 -7.03 30.72
N ALA A 218 1.05 -6.71 29.43
CA ALA A 218 0.66 -7.64 28.38
C ALA A 218 1.49 -8.91 28.46
N ILE A 219 2.78 -8.74 28.66
CA ILE A 219 3.69 -9.89 28.76
C ILE A 219 3.38 -10.73 29.99
N GLU A 220 3.02 -10.06 31.08
CA GLU A 220 2.68 -10.76 32.33
C GLU A 220 1.50 -11.70 32.11
N SER A 221 0.53 -11.25 31.32
CA SER A 221 -0.67 -12.03 31.04
C SER A 221 -0.41 -13.26 30.17
N ILE A 222 0.75 -13.31 29.53
CA ILE A 222 1.09 -14.44 28.67
C ILE A 222 2.42 -15.08 29.07
N LYS A 223 2.82 -14.84 30.30
CA LYS A 223 4.09 -15.36 30.82
C LYS A 223 4.25 -16.87 30.67
N ASP A 224 3.17 -17.62 30.85
CA ASP A 224 3.22 -19.08 30.74
C ASP A 224 3.36 -19.54 29.29
N LEU A 225 3.18 -18.62 28.35
CA LEU A 225 3.29 -18.94 26.93
C LEU A 225 4.67 -18.59 26.39
N MET B 9 -12.14 16.96 -12.56
CA MET B 9 -10.68 17.18 -12.75
C MET B 9 -10.34 17.33 -14.22
N ASP B 10 -9.67 18.41 -14.57
CA ASP B 10 -9.30 18.68 -15.95
C ASP B 10 -7.84 18.30 -16.19
N VAL B 11 -7.62 17.17 -16.86
CA VAL B 11 -6.27 16.69 -17.15
C VAL B 11 -5.83 17.08 -18.55
N MET B 12 -4.76 17.88 -18.64
CA MET B 12 -4.24 18.33 -19.93
C MET B 12 -3.89 17.16 -20.83
N ASN B 13 -4.39 17.21 -22.06
CA ASN B 13 -4.14 16.16 -23.06
C ASN B 13 -4.58 14.78 -22.62
N ARG B 14 -5.42 14.70 -21.59
CA ARG B 14 -5.92 13.43 -21.08
C ARG B 14 -4.77 12.47 -20.80
N LEU B 15 -3.62 13.03 -20.44
CA LEU B 15 -2.42 12.24 -20.19
C LEU B 15 -1.81 12.51 -18.81
N ILE B 16 -1.70 11.45 -18.01
CA ILE B 16 -1.13 11.55 -16.67
C ILE B 16 0.19 10.81 -16.67
N LEU B 17 1.26 11.50 -16.28
CA LEU B 17 2.58 10.90 -16.23
C LEU B 17 2.80 10.11 -14.95
N ALA B 18 3.15 8.82 -15.10
CA ALA B 18 3.42 7.98 -13.93
C ALA B 18 4.93 8.10 -13.70
N MET B 19 5.31 9.01 -12.81
CA MET B 19 6.73 9.23 -12.55
C MET B 19 7.29 8.25 -11.52
N ASP B 20 7.73 7.10 -12.01
CA ASP B 20 8.26 6.06 -11.14
C ASP B 20 9.78 5.90 -11.17
N LEU B 21 10.48 6.94 -11.65
CA LEU B 21 11.93 6.91 -11.63
C LEU B 21 12.25 7.00 -10.14
N MET B 22 13.41 6.47 -9.73
CA MET B 22 13.74 6.46 -8.31
C MET B 22 14.85 7.37 -7.80
N ASN B 23 15.16 8.41 -8.54
CA ASN B 23 16.17 9.36 -8.09
C ASN B 23 15.68 10.75 -8.49
N ARG B 24 15.79 11.67 -7.54
CA ARG B 24 15.34 13.04 -7.72
C ARG B 24 15.80 13.71 -9.00
N ASP B 25 17.10 13.65 -9.28
CA ASP B 25 17.62 14.30 -10.48
C ASP B 25 16.94 13.83 -11.76
N ASP B 26 16.87 12.52 -11.97
CA ASP B 26 16.24 11.99 -13.18
C ASP B 26 14.75 12.26 -13.22
N ALA B 27 14.08 12.12 -12.07
CA ALA B 27 12.65 12.36 -12.01
C ALA B 27 12.30 13.80 -12.40
N LEU B 28 13.04 14.76 -11.85
CA LEU B 28 12.81 16.17 -12.14
C LEU B 28 13.16 16.52 -13.57
N ARG B 29 14.26 15.97 -14.07
CA ARG B 29 14.69 16.24 -15.44
C ARG B 29 13.69 15.72 -16.47
N VAL B 30 13.29 14.46 -16.34
CA VAL B 30 12.35 13.86 -17.27
C VAL B 30 10.99 14.56 -17.22
N THR B 31 10.51 14.86 -16.02
CA THR B 31 9.23 15.54 -15.89
C THR B 31 9.32 16.91 -16.55
N GLY B 32 10.46 17.57 -16.39
CA GLY B 32 10.64 18.88 -16.99
C GLY B 32 10.64 18.82 -18.51
N GLU B 33 11.19 17.75 -19.05
CA GLU B 33 11.26 17.57 -20.50
C GLU B 33 9.89 17.36 -21.13
N VAL B 34 8.93 16.86 -20.36
CA VAL B 34 7.60 16.62 -20.89
C VAL B 34 6.53 17.54 -20.28
N ARG B 35 6.97 18.52 -19.50
CA ARG B 35 6.05 19.44 -18.84
C ARG B 35 5.07 20.19 -19.75
N GLU B 36 5.46 20.44 -20.99
CA GLU B 36 4.58 21.16 -21.90
C GLU B 36 3.40 20.31 -22.36
N TYR B 37 3.49 19.00 -22.14
CA TYR B 37 2.43 18.08 -22.56
C TYR B 37 1.49 17.64 -21.44
N ILE B 38 1.85 17.96 -20.20
CA ILE B 38 1.02 17.55 -19.07
C ILE B 38 0.84 18.62 -18.00
N ASP B 39 -0.05 18.34 -17.05
CA ASP B 39 -0.29 19.24 -15.93
C ASP B 39 -0.74 18.39 -14.75
N THR B 40 -0.55 17.08 -14.89
CA THR B 40 -0.93 16.11 -13.86
C THR B 40 0.12 15.02 -13.78
N VAL B 41 0.67 14.81 -12.60
CA VAL B 41 1.69 13.78 -12.41
C VAL B 41 1.27 12.81 -11.29
N LYS B 42 1.41 11.52 -11.55
CA LYS B 42 1.10 10.52 -10.55
C LYS B 42 2.42 10.14 -9.91
N ILE B 43 2.52 10.38 -8.61
CA ILE B 43 3.74 10.04 -7.87
C ILE B 43 3.40 8.89 -6.93
N GLY B 44 4.20 7.83 -7.02
CA GLY B 44 3.97 6.65 -6.19
C GLY B 44 5.08 6.39 -5.20
N TYR B 45 5.02 5.21 -4.58
CA TYR B 45 6.03 4.85 -3.60
C TYR B 45 7.46 4.67 -4.14
N PRO B 46 7.61 4.27 -5.41
CA PRO B 46 8.99 4.13 -5.90
C PRO B 46 9.79 5.42 -5.71
N LEU B 47 9.20 6.56 -6.09
CA LEU B 47 9.88 7.84 -5.94
C LEU B 47 9.85 8.36 -4.51
N VAL B 48 8.68 8.31 -3.87
CA VAL B 48 8.53 8.78 -2.50
C VAL B 48 9.43 8.06 -1.50
N LEU B 49 9.51 6.74 -1.58
CA LEU B 49 10.34 5.99 -0.65
C LEU B 49 11.84 6.15 -0.95
N SER B 50 12.15 6.64 -2.13
CA SER B 50 13.54 6.85 -2.53
C SER B 50 14.01 8.27 -2.24
N GLU B 51 13.13 9.25 -2.37
CA GLU B 51 13.52 10.65 -2.16
C GLU B 51 12.77 11.41 -1.06
N GLY B 52 11.76 10.79 -0.48
CA GLY B 52 11.01 11.46 0.58
C GLY B 52 9.75 12.16 0.10
N MET B 53 8.82 12.39 1.02
CA MET B 53 7.57 13.05 0.70
C MET B 53 7.73 14.52 0.30
N ASP B 54 8.87 15.12 0.61
CA ASP B 54 9.10 16.51 0.24
C ASP B 54 9.18 16.67 -1.28
N ILE B 55 9.27 15.55 -2.00
CA ILE B 55 9.37 15.59 -3.45
C ILE B 55 8.08 16.12 -4.07
N ILE B 56 6.96 15.93 -3.38
CA ILE B 56 5.67 16.40 -3.88
C ILE B 56 5.67 17.93 -3.94
N ALA B 57 6.10 18.56 -2.86
CA ALA B 57 6.15 20.03 -2.83
C ALA B 57 7.12 20.53 -3.89
N GLU B 58 8.20 19.80 -4.10
CA GLU B 58 9.20 20.20 -5.10
C GLU B 58 8.59 20.19 -6.50
N PHE B 59 7.76 19.19 -6.80
CA PHE B 59 7.11 19.12 -8.09
C PHE B 59 6.15 20.29 -8.28
N ARG B 60 5.41 20.64 -7.23
CA ARG B 60 4.47 21.75 -7.32
C ARG B 60 5.20 23.08 -7.49
N LYS B 61 6.37 23.19 -6.86
CA LYS B 61 7.15 24.42 -6.96
C LYS B 61 7.76 24.58 -8.35
N ARG B 62 8.23 23.48 -8.93
CA ARG B 62 8.84 23.53 -10.24
C ARG B 62 7.89 23.45 -11.44
N PHE B 63 6.80 22.71 -11.28
CA PHE B 63 5.86 22.53 -12.39
C PHE B 63 4.45 23.03 -12.17
N GLY B 64 4.08 23.23 -10.91
CA GLY B 64 2.74 23.70 -10.59
C GLY B 64 1.69 22.71 -11.05
N CYS B 65 2.13 21.48 -11.27
CA CYS B 65 1.26 20.40 -11.72
C CYS B 65 0.39 19.85 -10.60
N ARG B 66 -0.67 19.14 -10.99
CA ARG B 66 -1.58 18.49 -10.07
C ARG B 66 -0.84 17.22 -9.66
N ILE B 67 -0.96 16.80 -8.41
CA ILE B 67 -0.28 15.61 -7.93
C ILE B 67 -1.22 14.54 -7.39
N ILE B 68 -1.17 13.35 -7.98
CA ILE B 68 -1.98 12.24 -7.52
C ILE B 68 -1.03 11.29 -6.82
N ALA B 69 -1.27 11.06 -5.52
CA ALA B 69 -0.42 10.16 -4.75
C ALA B 69 -0.94 8.75 -4.92
N ASP B 70 -0.22 7.95 -5.70
CA ASP B 70 -0.63 6.58 -5.95
C ASP B 70 -0.05 5.68 -4.87
N PHE B 71 -0.73 5.65 -3.73
CA PHE B 71 -0.26 4.86 -2.60
C PHE B 71 -1.07 3.58 -2.36
N LYS B 72 -2.01 3.30 -3.25
CA LYS B 72 -2.85 2.11 -3.16
C LYS B 72 -3.14 1.75 -1.70
N VAL B 73 -3.69 2.72 -1.00
CA VAL B 73 -4.01 2.59 0.42
C VAL B 73 -4.84 1.33 0.64
N ALA B 74 -4.32 0.44 1.50
CA ALA B 74 -4.99 -0.83 1.75
C ALA B 74 -4.85 -1.33 3.18
N ASP B 75 -5.08 -0.44 4.14
CA ASP B 75 -4.97 -0.80 5.55
C ASP B 75 -6.34 -0.74 6.22
N ILE B 76 -6.35 -0.89 7.55
CA ILE B 76 -7.60 -0.80 8.31
C ILE B 76 -7.98 0.68 8.34
N PRO B 77 -9.24 0.99 8.68
CA PRO B 77 -9.70 2.39 8.70
C PRO B 77 -8.79 3.37 9.47
N GLU B 78 -8.45 3.02 10.71
CA GLU B 78 -7.61 3.89 11.54
C GLU B 78 -6.29 4.24 10.88
N THR B 79 -5.61 3.25 10.32
CA THR B 79 -4.34 3.51 9.68
C THR B 79 -4.52 4.25 8.36
N ASN B 80 -5.58 3.92 7.62
CA ASN B 80 -5.86 4.61 6.36
C ASN B 80 -6.01 6.11 6.61
N GLU B 81 -6.67 6.48 7.70
CA GLU B 81 -6.87 7.87 8.02
C GLU B 81 -5.53 8.57 8.20
N LYS B 82 -4.62 7.93 8.92
CA LYS B 82 -3.29 8.50 9.17
C LYS B 82 -2.49 8.63 7.87
N ILE B 83 -2.56 7.61 7.03
CA ILE B 83 -1.85 7.63 5.75
C ILE B 83 -2.34 8.80 4.89
N CYS B 84 -3.65 8.97 4.82
CA CYS B 84 -4.21 10.05 4.02
C CYS B 84 -3.80 11.42 4.58
N ARG B 85 -3.85 11.57 5.90
CA ARG B 85 -3.46 12.85 6.50
C ARG B 85 -2.01 13.21 6.19
N ALA B 86 -1.11 12.24 6.34
CA ALA B 86 0.30 12.49 6.05
C ALA B 86 0.51 12.82 4.58
N THR B 87 -0.23 12.12 3.72
CA THR B 87 -0.13 12.33 2.28
C THR B 87 -0.61 13.71 1.85
N PHE B 88 -1.78 14.12 2.35
CA PHE B 88 -2.30 15.43 1.98
C PHE B 88 -1.48 16.55 2.61
N LYS B 89 -0.87 16.29 3.76
CA LYS B 89 -0.03 17.29 4.40
C LYS B 89 1.17 17.56 3.50
N ALA B 90 1.59 16.54 2.76
CA ALA B 90 2.72 16.67 1.85
C ALA B 90 2.36 17.42 0.58
N GLY B 91 1.08 17.74 0.41
CA GLY B 91 0.67 18.48 -0.77
C GLY B 91 0.00 17.73 -1.90
N ALA B 92 -0.31 16.47 -1.69
CA ALA B 92 -0.98 15.70 -2.74
C ALA B 92 -2.40 16.22 -2.93
N ASP B 93 -2.86 16.27 -4.18
CA ASP B 93 -4.20 16.73 -4.48
C ASP B 93 -5.22 15.61 -4.39
N ALA B 94 -4.74 14.38 -4.61
CA ALA B 94 -5.60 13.21 -4.58
C ALA B 94 -4.79 12.00 -4.16
N ILE B 95 -5.49 10.94 -3.78
CA ILE B 95 -4.82 9.71 -3.36
C ILE B 95 -5.58 8.52 -3.92
N ILE B 96 -4.84 7.48 -4.31
CA ILE B 96 -5.45 6.27 -4.86
C ILE B 96 -5.59 5.25 -3.74
N VAL B 97 -6.80 4.72 -3.59
CA VAL B 97 -7.14 3.76 -2.55
C VAL B 97 -7.67 2.45 -3.11
N HIS B 98 -7.25 1.34 -2.52
CA HIS B 98 -7.75 0.04 -2.94
C HIS B 98 -9.16 -0.17 -2.41
N GLY B 99 -10.01 -0.81 -3.19
CA GLY B 99 -11.35 -1.07 -2.72
C GLY B 99 -11.48 -2.46 -2.09
N PHE B 100 -10.56 -3.37 -2.44
CA PHE B 100 -10.63 -4.74 -1.92
C PHE B 100 -10.74 -4.85 -0.39
N PRO B 101 -10.07 -3.97 0.38
CA PRO B 101 -10.18 -4.08 1.83
C PRO B 101 -11.54 -3.72 2.43
N GLY B 102 -12.50 -3.30 1.61
CA GLY B 102 -13.82 -3.01 2.14
C GLY B 102 -14.25 -1.56 2.27
N ALA B 103 -15.55 -1.38 2.51
CA ALA B 103 -16.16 -0.06 2.61
C ALA B 103 -15.66 0.83 3.73
N ASP B 104 -15.46 0.27 4.92
CA ASP B 104 -15.00 1.10 6.03
C ASP B 104 -13.62 1.70 5.77
N SER B 105 -12.74 0.92 5.13
CA SER B 105 -11.41 1.42 4.82
C SER B 105 -11.46 2.53 3.78
N VAL B 106 -12.39 2.44 2.83
CA VAL B 106 -12.52 3.48 1.82
C VAL B 106 -13.12 4.73 2.46
N ARG B 107 -14.14 4.55 3.30
CA ARG B 107 -14.78 5.67 3.97
C ARG B 107 -13.78 6.49 4.79
N ALA B 108 -12.83 5.81 5.44
CA ALA B 108 -11.83 6.51 6.23
C ALA B 108 -11.06 7.49 5.35
N CYS B 109 -10.75 7.07 4.13
CA CYS B 109 -10.01 7.92 3.20
C CYS B 109 -10.87 9.08 2.71
N LEU B 110 -12.14 8.77 2.40
CA LEU B 110 -13.06 9.80 1.94
C LEU B 110 -13.21 10.91 2.99
N ASN B 111 -13.29 10.52 4.26
CA ASN B 111 -13.44 11.51 5.33
C ASN B 111 -12.27 12.50 5.38
N VAL B 112 -11.04 11.98 5.34
CA VAL B 112 -9.88 12.85 5.38
C VAL B 112 -9.79 13.74 4.15
N ALA B 113 -10.11 13.19 3.00
CA ALA B 113 -10.08 13.95 1.76
C ALA B 113 -11.05 15.12 1.82
N GLU B 114 -12.23 14.88 2.39
CA GLU B 114 -13.23 15.92 2.51
C GLU B 114 -12.76 17.02 3.46
N GLU B 115 -12.11 16.60 4.55
CA GLU B 115 -11.61 17.53 5.55
C GLU B 115 -10.46 18.41 5.06
N MET B 116 -9.66 17.90 4.12
CA MET B 116 -8.52 18.66 3.63
C MET B 116 -8.65 19.17 2.19
N GLY B 117 -9.85 19.04 1.62
CA GLY B 117 -10.08 19.51 0.26
C GLY B 117 -9.34 18.74 -0.82
N ARG B 118 -9.41 17.42 -0.75
CA ARG B 118 -8.74 16.58 -1.74
C ARG B 118 -9.70 15.55 -2.32
N GLU B 119 -9.21 14.75 -3.25
CA GLU B 119 -10.02 13.73 -3.90
C GLU B 119 -9.49 12.33 -3.66
N VAL B 120 -10.41 11.36 -3.64
CA VAL B 120 -10.04 9.96 -3.48
C VAL B 120 -10.35 9.24 -4.80
N PHE B 121 -9.40 8.46 -5.27
CA PHE B 121 -9.56 7.67 -6.49
C PHE B 121 -9.68 6.23 -6.02
N LEU B 122 -10.74 5.55 -6.42
CA LEU B 122 -10.93 4.16 -6.02
C LEU B 122 -10.42 3.20 -7.08
N LEU B 123 -9.43 2.39 -6.71
CA LEU B 123 -8.88 1.41 -7.63
C LEU B 123 -9.76 0.16 -7.56
N THR B 124 -10.35 -0.20 -8.69
CA THR B 124 -11.21 -1.37 -8.73
C THR B 124 -10.38 -2.54 -9.27
N GLU B 125 -10.38 -2.75 -10.58
CA GLU B 125 -9.60 -3.84 -11.14
C GLU B 125 -8.23 -3.36 -11.56
N MET B 126 -7.21 -4.18 -11.29
CA MET B 126 -5.84 -3.84 -11.65
C MET B 126 -5.49 -4.38 -13.04
N SER B 127 -4.44 -3.81 -13.62
CA SER B 127 -4.01 -4.14 -14.98
C SER B 127 -3.10 -5.34 -15.22
N HIS B 128 -2.43 -5.83 -14.18
CA HIS B 128 -1.51 -6.94 -14.34
C HIS B 128 -2.19 -8.31 -14.35
N PRO B 129 -1.49 -9.34 -14.86
CA PRO B 129 -2.06 -10.70 -14.92
C PRO B 129 -2.61 -11.22 -13.60
N GLY B 130 -1.87 -11.00 -12.51
CA GLY B 130 -2.31 -11.47 -11.20
C GLY B 130 -3.67 -10.94 -10.77
N ALA B 131 -4.11 -9.84 -11.36
CA ALA B 131 -5.40 -9.26 -11.01
C ALA B 131 -6.55 -10.22 -11.30
N GLU B 132 -6.34 -11.16 -12.22
CA GLU B 132 -7.38 -12.11 -12.56
C GLU B 132 -7.67 -13.13 -11.45
N MET B 133 -6.71 -13.33 -10.56
CA MET B 133 -6.87 -14.30 -9.49
C MET B 133 -7.94 -14.00 -8.44
N PHE B 134 -7.91 -12.79 -7.89
CA PHE B 134 -8.87 -12.40 -6.86
C PHE B 134 -9.59 -11.09 -7.10
N ILE B 135 -8.88 -10.09 -7.61
CA ILE B 135 -9.46 -8.78 -7.82
C ILE B 135 -10.56 -8.72 -8.89
N GLN B 136 -10.30 -9.30 -10.05
CA GLN B 136 -11.27 -9.25 -11.13
C GLN B 136 -12.66 -9.73 -10.73
N GLY B 137 -12.73 -10.84 -10.02
CA GLY B 137 -14.02 -11.38 -9.60
C GLY B 137 -14.80 -10.50 -8.65
N ALA B 138 -14.11 -9.56 -7.99
CA ALA B 138 -14.77 -8.66 -7.05
C ALA B 138 -14.88 -7.23 -7.57
N ALA B 139 -14.25 -6.95 -8.71
CA ALA B 139 -14.20 -5.61 -9.29
C ALA B 139 -15.54 -4.91 -9.52
N ASP B 140 -16.51 -5.60 -10.10
CA ASP B 140 -17.81 -4.97 -10.35
C ASP B 140 -18.46 -4.58 -9.01
N GLU B 141 -18.37 -5.46 -8.02
CA GLU B 141 -18.96 -5.18 -6.72
C GLU B 141 -18.21 -4.05 -6.03
N ILE B 142 -16.90 -3.97 -6.24
CA ILE B 142 -16.11 -2.90 -5.65
C ILE B 142 -16.56 -1.57 -6.26
N ALA B 143 -16.81 -1.58 -7.58
CA ALA B 143 -17.27 -0.36 -8.26
C ALA B 143 -18.64 0.07 -7.72
N ARG B 144 -19.54 -0.89 -7.53
CA ARG B 144 -20.87 -0.57 -7.01
C ARG B 144 -20.74 0.01 -5.60
N MET B 145 -19.79 -0.52 -4.84
CA MET B 145 -19.52 -0.04 -3.49
C MET B 145 -19.10 1.42 -3.58
N GLY B 146 -18.25 1.72 -4.57
CA GLY B 146 -17.81 3.09 -4.75
C GLY B 146 -19.00 3.99 -5.02
N VAL B 147 -19.92 3.53 -5.86
CA VAL B 147 -21.10 4.33 -6.18
C VAL B 147 -21.93 4.56 -4.92
N ASP B 148 -22.13 3.50 -4.14
CA ASP B 148 -22.90 3.62 -2.90
C ASP B 148 -22.25 4.58 -1.91
N LEU B 149 -20.92 4.63 -1.90
CA LEU B 149 -20.18 5.50 -1.00
C LEU B 149 -20.04 6.93 -1.48
N GLY B 150 -20.45 7.20 -2.72
CA GLY B 150 -20.35 8.54 -3.25
C GLY B 150 -19.02 8.84 -3.91
N VAL B 151 -18.25 7.80 -4.20
CA VAL B 151 -16.96 7.97 -4.86
C VAL B 151 -17.21 8.48 -6.28
N LYS B 152 -16.41 9.44 -6.71
CA LYS B 152 -16.57 10.02 -8.04
C LYS B 152 -15.36 9.82 -8.96
N ASN B 153 -14.27 9.30 -8.40
CA ASN B 153 -13.04 9.09 -9.16
C ASN B 153 -12.63 7.62 -9.06
N TYR B 154 -12.33 7.02 -10.21
CA TYR B 154 -12.00 5.60 -10.28
C TYR B 154 -10.77 5.29 -11.14
N VAL B 155 -10.20 4.11 -10.92
CA VAL B 155 -9.05 3.63 -11.68
C VAL B 155 -9.40 2.23 -12.21
N GLY B 156 -9.26 2.03 -13.52
CA GLY B 156 -9.55 0.77 -14.17
C GLY B 156 -8.44 0.38 -15.13
N PRO B 157 -8.33 -0.91 -15.52
CA PRO B 157 -7.30 -1.45 -16.41
C PRO B 157 -7.34 -1.23 -17.93
N SER B 158 -6.28 -0.63 -18.45
CA SER B 158 -6.16 -0.39 -19.89
C SER B 158 -5.96 -1.72 -20.62
N THR B 159 -5.35 -2.66 -19.93
CA THR B 159 -5.04 -3.98 -20.48
C THR B 159 -6.26 -4.86 -20.77
N ARG B 160 -7.42 -4.49 -20.22
CA ARG B 160 -8.65 -5.24 -20.46
C ARG B 160 -9.75 -4.25 -20.80
N PRO B 161 -9.79 -3.78 -22.05
CA PRO B 161 -10.78 -2.82 -22.52
C PRO B 161 -12.23 -3.16 -22.19
N GLU B 162 -12.57 -4.45 -22.24
CA GLU B 162 -13.95 -4.86 -21.95
C GLU B 162 -14.25 -4.66 -20.46
N ARG B 163 -13.24 -4.85 -19.62
CA ARG B 163 -13.42 -4.67 -18.18
C ARG B 163 -13.47 -3.17 -17.87
N LEU B 164 -12.67 -2.39 -18.58
CA LEU B 164 -12.66 -0.95 -18.39
C LEU B 164 -14.01 -0.38 -18.83
N SER B 165 -14.54 -0.90 -19.93
CA SER B 165 -15.84 -0.45 -20.42
C SER B 165 -16.92 -0.78 -19.39
N ARG B 166 -16.86 -1.97 -18.82
CA ARG B 166 -17.84 -2.37 -17.81
C ARG B 166 -17.75 -1.43 -16.61
N LEU B 167 -16.53 -1.08 -16.19
CA LEU B 167 -16.36 -0.19 -15.05
C LEU B 167 -17.04 1.14 -15.36
N ARG B 168 -16.82 1.65 -16.58
CA ARG B 168 -17.43 2.91 -16.98
C ARG B 168 -18.96 2.80 -16.93
N GLU B 169 -19.50 1.66 -17.36
CA GLU B 169 -20.95 1.46 -17.33
C GLU B 169 -21.49 1.55 -15.91
N ILE B 170 -20.80 0.90 -14.98
CA ILE B 170 -21.23 0.90 -13.60
C ILE B 170 -21.21 2.29 -12.96
N ILE B 171 -20.11 3.01 -13.14
CA ILE B 171 -19.97 4.33 -12.54
C ILE B 171 -20.67 5.48 -13.26
N GLY B 172 -21.00 5.29 -14.52
CA GLY B 172 -21.67 6.35 -15.26
C GLY B 172 -20.73 7.34 -15.93
N GLN B 173 -21.27 8.09 -16.89
CA GLN B 173 -20.48 9.07 -17.63
C GLN B 173 -20.04 10.27 -16.79
N ASP B 174 -20.73 10.53 -15.70
CA ASP B 174 -20.41 11.66 -14.82
C ASP B 174 -19.14 11.45 -13.99
N SER B 175 -18.88 10.20 -13.61
CA SER B 175 -17.70 9.88 -12.81
C SER B 175 -16.42 10.07 -13.62
N PHE B 176 -15.31 10.25 -12.90
CA PHE B 176 -14.00 10.44 -13.53
C PHE B 176 -13.24 9.13 -13.46
N LEU B 177 -12.68 8.70 -14.59
CA LEU B 177 -11.97 7.44 -14.68
C LEU B 177 -10.60 7.58 -15.34
N ILE B 178 -9.55 7.11 -14.66
CA ILE B 178 -8.22 7.15 -15.22
C ILE B 178 -7.75 5.70 -15.36
N SER B 179 -6.86 5.45 -16.32
CA SER B 179 -6.48 4.07 -16.59
C SER B 179 -5.01 3.83 -16.90
N PRO B 180 -4.34 2.96 -16.12
CA PRO B 180 -2.94 2.61 -16.31
C PRO B 180 -2.81 1.31 -17.12
N GLY B 181 -1.60 1.02 -17.55
CA GLY B 181 -1.36 -0.19 -18.33
C GLY B 181 -1.22 0.12 -19.81
N VAL B 182 -1.08 1.41 -20.13
CA VAL B 182 -0.94 1.86 -21.51
C VAL B 182 0.53 1.81 -21.90
N GLY B 183 0.80 1.22 -23.06
CA GLY B 183 2.17 1.13 -23.53
C GLY B 183 2.91 -0.12 -23.10
N ALA B 184 3.79 0.03 -22.12
CA ALA B 184 4.58 -1.09 -21.63
C ALA B 184 3.78 -2.34 -21.32
N GLN B 185 2.62 -2.19 -20.67
CA GLN B 185 1.81 -3.35 -20.32
C GLN B 185 0.92 -3.87 -21.44
N GLY B 186 0.88 -3.16 -22.56
CA GLY B 186 0.09 -3.62 -23.70
C GLY B 186 -1.18 -2.87 -24.04
N GLY B 187 -1.59 -1.96 -23.18
CA GLY B 187 -2.80 -1.19 -23.46
C GLY B 187 -2.60 -0.17 -24.56
N ASP B 188 -3.66 0.08 -25.33
CA ASP B 188 -3.61 1.05 -26.42
C ASP B 188 -4.18 2.40 -25.98
N PRO B 189 -3.45 3.50 -26.22
CA PRO B 189 -3.91 4.84 -25.83
C PRO B 189 -5.31 5.19 -26.32
N GLY B 190 -5.51 5.12 -27.64
CA GLY B 190 -6.79 5.46 -28.21
C GLY B 190 -7.97 4.63 -27.72
N GLU B 191 -7.81 3.31 -27.71
CA GLU B 191 -8.88 2.44 -27.25
C GLU B 191 -9.22 2.70 -25.79
N THR B 192 -8.20 2.94 -24.98
CA THR B 192 -8.42 3.19 -23.56
C THR B 192 -9.24 4.46 -23.35
N LEU B 193 -9.00 5.47 -24.17
CA LEU B 193 -9.72 6.73 -24.06
C LEU B 193 -11.17 6.67 -24.52
N ARG B 194 -11.59 5.51 -25.03
CA ARG B 194 -12.97 5.34 -25.45
C ARG B 194 -13.80 5.26 -24.17
N PHE B 195 -13.16 4.82 -23.09
CA PHE B 195 -13.85 4.64 -21.81
C PHE B 195 -13.31 5.49 -20.66
N ALA B 196 -12.01 5.69 -20.63
CA ALA B 196 -11.40 6.48 -19.56
C ALA B 196 -11.25 7.95 -19.96
N ASP B 197 -11.33 8.82 -18.96
CA ASP B 197 -11.18 10.25 -19.18
C ASP B 197 -9.72 10.58 -19.45
N ALA B 198 -8.82 9.83 -18.81
CA ALA B 198 -7.40 10.06 -18.99
C ALA B 198 -6.61 8.76 -18.87
N ILE B 199 -5.48 8.71 -19.57
CA ILE B 199 -4.62 7.54 -19.52
C ILE B 199 -3.41 7.84 -18.66
N ILE B 200 -2.93 6.82 -17.96
CA ILE B 200 -1.74 6.92 -17.13
C ILE B 200 -0.63 6.25 -17.92
N VAL B 201 0.48 6.95 -18.10
CA VAL B 201 1.60 6.37 -18.85
C VAL B 201 2.90 6.58 -18.10
N GLY B 202 3.60 5.47 -17.86
CA GLY B 202 4.87 5.53 -17.16
C GLY B 202 6.07 5.24 -18.03
N ARG B 203 6.53 3.99 -18.02
CA ARG B 203 7.71 3.57 -18.79
C ARG B 203 7.79 3.98 -20.25
N SER B 204 6.67 3.90 -20.96
CA SER B 204 6.67 4.27 -22.38
C SER B 204 7.18 5.69 -22.57
N ILE B 205 7.09 6.50 -21.53
CA ILE B 205 7.57 7.88 -21.61
C ILE B 205 8.89 8.08 -20.87
N TYR B 206 8.93 7.78 -19.57
CA TYR B 206 10.15 8.00 -18.79
C TYR B 206 11.32 7.05 -19.05
N LEU B 207 11.08 5.99 -19.80
CA LEU B 207 12.14 5.03 -20.10
C LEU B 207 12.53 5.13 -21.57
N ALA B 208 11.81 5.94 -22.33
CA ALA B 208 12.07 6.12 -23.75
C ALA B 208 13.37 6.87 -23.99
N ASP B 209 13.98 6.66 -25.16
CA ASP B 209 15.23 7.33 -25.51
C ASP B 209 15.03 8.83 -25.38
N ASN B 210 13.90 9.31 -25.87
CA ASN B 210 13.57 10.73 -25.79
C ASN B 210 12.14 10.87 -25.26
N PRO B 211 11.99 11.05 -23.94
CA PRO B 211 10.69 11.20 -23.29
C PRO B 211 9.76 12.21 -23.95
N ALA B 212 10.31 13.34 -24.38
CA ALA B 212 9.52 14.38 -25.01
C ALA B 212 8.84 13.88 -26.27
N ALA B 213 9.58 13.16 -27.12
CA ALA B 213 9.04 12.61 -28.35
C ALA B 213 8.00 11.54 -28.04
N ALA B 214 8.26 10.76 -26.99
CA ALA B 214 7.36 9.70 -26.59
C ALA B 214 6.01 10.30 -26.20
N ALA B 215 6.03 11.34 -25.37
CA ALA B 215 4.82 12.01 -24.94
C ALA B 215 4.15 12.67 -26.13
N ALA B 216 4.95 13.34 -26.95
CA ALA B 216 4.43 14.02 -28.14
C ALA B 216 3.80 12.99 -29.07
N GLY B 217 4.47 11.85 -29.23
CA GLY B 217 3.96 10.81 -30.09
C GLY B 217 2.68 10.20 -29.57
N ALA B 218 2.62 9.97 -28.26
CA ALA B 218 1.44 9.41 -27.64
C ALA B 218 0.23 10.30 -27.88
N ILE B 219 0.41 11.60 -27.65
CA ILE B 219 -0.66 12.56 -27.83
C ILE B 219 -1.07 12.66 -29.30
N GLU B 220 -0.11 12.39 -30.19
CA GLU B 220 -0.37 12.44 -31.63
C GLU B 220 -1.30 11.30 -32.04
N SER B 221 -1.13 10.14 -31.44
CA SER B 221 -1.96 8.98 -31.76
C SER B 221 -3.40 9.19 -31.33
N ILE B 222 -3.61 10.08 -30.36
CA ILE B 222 -4.95 10.37 -29.86
C ILE B 222 -5.33 11.81 -30.21
N LYS B 223 -4.63 12.34 -31.21
CA LYS B 223 -4.82 13.72 -31.68
C LYS B 223 -6.27 14.19 -31.67
N ASP B 224 -7.11 13.54 -32.48
CA ASP B 224 -8.52 13.93 -32.57
C ASP B 224 -9.39 13.25 -31.52
N LEU B 225 -8.82 12.99 -30.35
CA LEU B 225 -9.55 12.36 -29.27
C LEU B 225 -9.51 13.25 -28.04
P BMQ C . -3.49 -1.41 16.89
O1P BMQ C . -3.34 0.00 17.36
O2P BMQ C . -2.90 -2.38 18.03
O3P BMQ C . -4.93 -1.70 16.55
O5' BMQ C . -2.53 -1.54 15.64
C5' BMQ C . -2.67 -2.58 14.68
C4' BMQ C . -1.57 -2.38 13.66
O4' BMQ C . -1.58 -3.51 12.78
C3' BMQ C . -1.66 -1.18 12.75
O3' BMQ C . -0.37 -0.68 12.39
C2' BMQ C . -2.39 -1.71 11.54
O2' BMQ C . -2.18 -0.92 10.35
C1' BMQ C . -1.89 -3.14 11.47
N1 BMQ C . -2.80 -4.18 10.90
C2 BMQ C . -4.12 -4.35 11.43
O2 BMQ C . -4.52 -3.70 12.38
N3 BMQ C . -4.87 -5.31 10.80
C4 BMQ C . -4.47 -6.15 9.74
O4 BMQ C . -5.26 -6.99 9.36
C5 BMQ C . -3.13 -5.92 9.23
C6 BMQ C . -2.32 -5.02 9.83
O1 BMQ C . -1.13 -4.86 9.49
P BMQ D . 3.69 1.87 -16.72
O1P BMQ D . 5.16 2.04 -16.69
O2P BMQ D . 3.10 2.81 -17.89
O3P BMQ D . 3.33 0.41 -16.87
O5' BMQ D . 3.17 2.48 -15.35
C5' BMQ D . 1.89 2.16 -14.83
C4' BMQ D . 1.76 2.88 -13.51
O4' BMQ D . 0.42 2.70 -13.04
C3' BMQ D . 2.64 2.41 -12.36
O3' BMQ D . 3.01 3.49 -11.50
C2' BMQ D . 1.77 1.40 -11.64
O2' BMQ D . 2.14 1.20 -10.27
C1' BMQ D . 0.38 1.98 -11.84
N1 BMQ D . -0.77 1.03 -11.91
C2 BMQ D . -0.76 -0.06 -12.84
O2 BMQ D . 0.16 -0.21 -13.63
N3 BMQ D . -1.84 -0.90 -12.77
C4 BMQ D . -2.96 -0.75 -11.93
O4 BMQ D . -3.86 -1.56 -12.06
C5 BMQ D . -2.89 0.35 -10.99
C6 BMQ D . -1.89 1.24 -11.04
O1 BMQ D . -1.88 2.29 -10.35
#